data_5DP1
#
_entry.id   5DP1
#
_cell.length_a   93.583
_cell.length_b   127.153
_cell.length_c   127.759
_cell.angle_alpha   90.00
_cell.angle_beta   90.00
_cell.angle_gamma   90.00
#
_symmetry.space_group_name_H-M   'F 2 2 2'
#
loop_
_entity.id
_entity.type
_entity.pdbx_description
1 polymer CurK
2 non-polymer GLYCEROL
3 non-polymer 'PHOSPHATE ION'
4 water water
#
_entity_poly.entity_id   1
_entity_poly.type   'polypeptide(L)'
_entity_poly.pdbx_seq_one_letter_code
;MHHHHHHSSGVDLGTENLYFQSNASADQPVQLKLSEYGVIDNLNWQPMQRKTPLANEVEIEVAAVGLNFRDVLNALGLLK
DYYAEHFNITSAEQLTFGFECAGKISAVGEQVSQWQVGDEVIGLLLHDGLSSFITTSVEYVVAKPKQMSFSEAATLPLTF
LTAQYGLQHLAKIQPGERVLIHAAAGGVGQAAVQIAQVAGAEIFATASPSKWEFLQSLGIKHIMNSRTLDFAEEIMKRTA
GEGVDVVLNSLNGEYIPQSLAVLTPKGRFVEIGKIGIWEKEQVKEKRPDVSYFPFDLQEAVQQQPGLIGQLSEELTQQWN
QGKLKALPHKVFPSTEITAAFRYMQQAKHVGKVVVSMP
;
_entity_poly.pdbx_strand_id   A
#
# COMPACT_ATOMS: atom_id res chain seq x y z
N ASP A 27 -9.91 9.31 -27.07
CA ASP A 27 -10.18 10.76 -27.36
C ASP A 27 -10.44 11.53 -26.08
N GLN A 28 -9.86 12.74 -26.01
CA GLN A 28 -9.86 13.57 -24.80
C GLN A 28 -9.25 12.89 -23.57
N PRO A 29 -8.03 12.30 -23.69
CA PRO A 29 -7.39 11.77 -22.49
C PRO A 29 -7.03 12.88 -21.50
N VAL A 30 -7.15 12.59 -20.21
CA VAL A 30 -6.93 13.56 -19.13
C VAL A 30 -5.98 13.04 -18.03
N GLN A 31 -5.48 13.96 -17.21
CA GLN A 31 -4.61 13.64 -16.09
C GLN A 31 -5.01 14.52 -14.91
N LEU A 32 -5.08 13.94 -13.71
CA LEU A 32 -5.38 14.71 -12.51
C LEU A 32 -4.19 15.61 -12.15
N LYS A 33 -4.46 16.90 -11.94
CA LYS A 33 -3.40 17.86 -11.65
C LYS A 33 -3.75 18.77 -10.49
N LEU A 34 -2.72 19.32 -9.84
CA LEU A 34 -2.92 20.22 -8.72
C LEU A 34 -2.34 21.61 -9.03
N SER A 35 -3.18 22.64 -8.95
CA SER A 35 -2.75 24.01 -9.26
C SER A 35 -1.89 24.64 -8.14
N GLU A 36 -2.26 24.37 -6.89
CA GLU A 36 -1.48 24.82 -5.74
C GLU A 36 -1.66 23.91 -4.51
N TYR A 37 -0.60 23.77 -3.72
CA TYR A 37 -0.61 22.92 -2.52
C TYR A 37 -1.68 23.30 -1.53
N GLY A 38 -2.12 22.31 -0.76
CA GLY A 38 -2.97 22.52 0.41
C GLY A 38 -4.45 22.72 0.15
N VAL A 39 -4.85 22.68 -1.12
CA VAL A 39 -6.26 22.83 -1.48
C VAL A 39 -6.73 21.65 -2.35
N ILE A 40 -7.37 20.67 -1.72
CA ILE A 40 -7.93 19.50 -2.42
C ILE A 40 -8.91 19.93 -3.53
N ASP A 41 -9.66 20.99 -3.25
CA ASP A 41 -10.58 21.58 -4.22
C ASP A 41 -9.87 22.04 -5.50
N ASN A 42 -8.54 22.21 -5.44
CA ASN A 42 -7.76 22.61 -6.60
C ASN A 42 -7.21 21.43 -7.42
N LEU A 43 -7.76 20.23 -7.18
CA LEU A 43 -7.46 19.07 -8.01
C LEU A 43 -8.38 19.10 -9.22
N ASN A 44 -7.80 19.02 -10.42
CA ASN A 44 -8.58 19.11 -11.66
CA ASN A 44 -8.57 19.12 -11.66
C ASN A 44 -8.08 18.15 -12.74
N TRP A 45 -9.03 17.60 -13.50
CA TRP A 45 -8.70 16.75 -14.64
C TRP A 45 -8.34 17.64 -15.81
N GLN A 46 -7.07 17.60 -16.24
CA GLN A 46 -6.59 18.39 -17.37
C GLN A 46 -6.28 17.51 -18.59
N PRO A 47 -6.53 18.01 -19.81
CA PRO A 47 -6.15 17.24 -21.00
C PRO A 47 -4.68 16.83 -20.93
N MET A 48 -4.36 15.64 -21.46
CA MET A 48 -2.98 15.17 -21.44
C MET A 48 -2.52 14.76 -22.83
N GLN A 49 -1.22 14.89 -23.06
CA GLN A 49 -0.59 14.45 -24.30
C GLN A 49 -0.13 13.00 -24.14
N ARG A 50 -0.68 12.11 -24.95
CA ARG A 50 -0.25 10.72 -24.98
C ARG A 50 1.17 10.60 -25.55
N LYS A 51 1.93 9.65 -25.02
CA LYS A 51 3.32 9.46 -25.40
C LYS A 51 3.52 8.08 -25.98
N THR A 52 4.39 8.00 -26.99
CA THR A 52 4.85 6.72 -27.54
C THR A 52 5.74 6.05 -26.50
N PRO A 53 5.49 4.76 -26.21
CA PRO A 53 6.34 4.07 -25.23
C PRO A 53 7.77 3.91 -25.74
N LEU A 54 8.74 4.11 -24.86
CA LEU A 54 10.14 3.83 -25.20
C LEU A 54 10.35 2.31 -25.30
N ALA A 55 11.55 1.89 -25.70
CA ALA A 55 11.81 0.51 -26.14
C ALA A 55 11.35 -0.62 -25.22
N ASN A 56 11.50 -0.43 -23.90
CA ASN A 56 11.07 -1.45 -22.93
C ASN A 56 9.92 -0.98 -22.02
N GLU A 57 9.09 -0.10 -22.58
CA GLU A 57 7.89 0.38 -21.90
C GLU A 57 6.63 -0.09 -22.62
N VAL A 58 5.52 -0.03 -21.90
CA VAL A 58 4.19 -0.18 -22.49
C VAL A 58 3.34 1.04 -22.13
N GLU A 59 2.30 1.28 -22.92
CA GLU A 59 1.28 2.26 -22.56
C GLU A 59 0.05 1.49 -22.10
N ILE A 60 -0.56 1.97 -21.01
CA ILE A 60 -1.76 1.34 -20.44
C ILE A 60 -2.93 2.31 -20.48
N GLU A 61 -4.05 1.89 -21.07
CA GLU A 61 -5.30 2.65 -20.94
C GLU A 61 -5.93 2.25 -19.60
N VAL A 62 -6.04 3.21 -18.68
CA VAL A 62 -6.36 2.92 -17.27
C VAL A 62 -7.85 2.77 -17.06
N ALA A 63 -8.27 1.70 -16.40
CA ALA A 63 -9.68 1.49 -16.07
C ALA A 63 -9.97 1.81 -14.59
N ALA A 64 -9.03 1.49 -13.71
CA ALA A 64 -9.22 1.74 -12.27
C ALA A 64 -7.87 2.06 -11.62
N VAL A 65 -7.92 2.90 -10.59
CA VAL A 65 -6.71 3.36 -9.93
C VAL A 65 -6.88 3.25 -8.42
N GLY A 66 -5.91 2.61 -7.78
CA GLY A 66 -5.90 2.57 -6.32
C GLY A 66 -5.51 3.95 -5.82
N LEU A 67 -6.23 4.44 -4.80
CA LEU A 67 -5.93 5.70 -4.16
C LEU A 67 -5.30 5.39 -2.80
N ASN A 68 -4.40 6.26 -2.35
CA ASN A 68 -3.65 5.99 -1.13
C ASN A 68 -3.49 7.24 -0.27
N PHE A 69 -3.29 7.07 1.03
CA PHE A 69 -3.13 8.25 1.92
C PHE A 69 -2.00 9.14 1.43
N ARG A 70 -0.96 8.53 0.88
CA ARG A 70 0.19 9.27 0.34
CA ARG A 70 0.17 9.30 0.38
C ARG A 70 -0.23 10.33 -0.69
N ASP A 71 -1.24 10.01 -1.52
CA ASP A 71 -1.73 10.98 -2.52
C ASP A 71 -2.26 12.25 -1.85
N VAL A 72 -2.95 12.05 -0.73
CA VAL A 72 -3.49 13.16 0.05
C VAL A 72 -2.37 14.01 0.69
N LEU A 73 -1.43 13.34 1.36
CA LEU A 73 -0.28 14.05 1.94
C LEU A 73 0.48 14.87 0.89
N ASN A 74 0.62 14.30 -0.30
CA ASN A 74 1.24 14.96 -1.42
C ASN A 74 0.49 16.23 -1.81
N ALA A 75 -0.80 16.09 -2.10
CA ALA A 75 -1.66 17.21 -2.49
C ALA A 75 -1.74 18.31 -1.41
N LEU A 76 -1.57 17.92 -0.16
CA LEU A 76 -1.70 18.88 0.93
C LEU A 76 -0.40 19.64 1.23
N GLY A 77 0.69 19.21 0.60
CA GLY A 77 1.97 19.90 0.71
C GLY A 77 2.83 19.41 1.85
N LEU A 78 2.53 18.20 2.34
CA LEU A 78 3.18 17.67 3.52
C LEU A 78 4.43 16.82 3.22
N LEU A 79 4.76 16.70 1.94
CA LEU A 79 5.90 15.90 1.51
C LEU A 79 6.80 16.68 0.54
N LYS A 80 6.73 18.01 0.60
CA LYS A 80 7.47 18.88 -0.32
C LYS A 80 8.96 18.60 -0.34
N ASP A 81 9.56 18.51 0.85
CA ASP A 81 10.99 18.27 1.00
C ASP A 81 11.40 16.92 0.43
N TYR A 82 10.59 15.90 0.72
CA TYR A 82 10.84 14.56 0.20
C TYR A 82 10.84 14.54 -1.33
N TYR A 83 9.88 15.22 -1.93
CA TYR A 83 9.72 15.19 -3.38
C TYR A 83 10.85 15.87 -4.13
N ALA A 84 11.40 16.95 -3.54
CA ALA A 84 12.59 17.61 -4.07
C ALA A 84 13.82 16.69 -4.01
N GLU A 85 14.07 16.11 -2.84
CA GLU A 85 15.26 15.28 -2.61
C GLU A 85 15.27 13.93 -3.32
N HIS A 86 14.08 13.43 -3.66
CA HIS A 86 13.97 12.11 -4.29
C HIS A 86 13.65 12.16 -5.78
N PHE A 87 12.87 13.17 -6.19
CA PHE A 87 12.40 13.26 -7.59
C PHE A 87 12.64 14.62 -8.25
N ASN A 88 13.35 15.51 -7.56
CA ASN A 88 13.55 16.88 -8.04
C ASN A 88 12.24 17.60 -8.41
N ILE A 89 11.16 17.25 -7.73
CA ILE A 89 9.88 17.95 -7.89
C ILE A 89 9.83 19.09 -6.88
N THR A 90 9.68 20.30 -7.39
CA THR A 90 9.82 21.52 -6.61
C THR A 90 8.57 22.39 -6.68
N SER A 91 7.55 21.89 -7.38
CA SER A 91 6.38 22.68 -7.72
C SER A 91 5.11 21.82 -7.70
N ALA A 92 4.01 22.42 -7.23
CA ALA A 92 2.72 21.72 -7.18
C ALA A 92 2.25 21.26 -8.56
N GLU A 93 2.32 22.15 -9.55
CA GLU A 93 1.89 21.84 -10.92
C GLU A 93 2.74 20.74 -11.58
N GLN A 94 3.79 20.29 -10.88
CA GLN A 94 4.64 19.21 -11.38
C GLN A 94 4.13 17.83 -10.93
N LEU A 95 3.34 17.80 -9.87
CA LEU A 95 2.88 16.55 -9.27
C LEU A 95 1.89 15.80 -10.14
N THR A 96 1.91 14.48 -9.99
CA THR A 96 0.83 13.62 -10.48
C THR A 96 0.38 12.73 -9.34
N PHE A 97 -0.69 11.96 -9.55
CA PHE A 97 -1.27 11.14 -8.48
C PHE A 97 -1.61 9.74 -8.96
N GLY A 98 -1.65 8.78 -8.03
CA GLY A 98 -2.00 7.40 -8.37
C GLY A 98 -0.76 6.53 -8.42
N PHE A 99 -0.67 5.59 -7.48
CA PHE A 99 0.53 4.77 -7.35
C PHE A 99 0.40 3.37 -7.94
N GLU A 100 -0.79 3.04 -8.45
CA GLU A 100 -1.12 1.67 -8.89
C GLU A 100 -2.38 1.75 -9.75
N CYS A 101 -2.54 0.81 -10.67
CA CYS A 101 -3.70 0.86 -11.56
C CYS A 101 -4.00 -0.49 -12.15
N ALA A 102 -5.10 -0.57 -12.90
CA ALA A 102 -5.40 -1.74 -13.72
C ALA A 102 -6.02 -1.22 -15.00
N GLY A 103 -5.79 -1.93 -16.09
CA GLY A 103 -6.30 -1.48 -17.38
C GLY A 103 -5.88 -2.42 -18.49
N LYS A 104 -5.81 -1.89 -19.70
CA LYS A 104 -5.41 -2.68 -20.86
C LYS A 104 -4.25 -2.04 -21.59
N ILE A 105 -3.32 -2.88 -22.04
CA ILE A 105 -2.22 -2.45 -22.90
C ILE A 105 -2.78 -1.72 -24.14
N SER A 106 -2.34 -0.48 -24.35
CA SER A 106 -2.78 0.30 -25.49
C SER A 106 -1.66 0.49 -26.52
N ALA A 107 -0.41 0.30 -26.11
CA ALA A 107 0.76 0.38 -27.01
C ALA A 107 1.95 -0.30 -26.38
N VAL A 108 2.82 -0.83 -27.23
CA VAL A 108 3.98 -1.61 -26.80
C VAL A 108 5.28 -1.07 -27.42
N GLY A 109 6.29 -0.84 -26.58
CA GLY A 109 7.62 -0.41 -27.03
C GLY A 109 8.28 -1.43 -27.94
N GLU A 110 9.35 -1.02 -28.60
CA GLU A 110 9.94 -1.81 -29.69
C GLU A 110 10.55 -3.15 -29.25
N GLN A 111 11.19 -3.17 -28.08
CA GLN A 111 11.84 -4.38 -27.57
C GLN A 111 11.01 -5.10 -26.48
N VAL A 112 9.68 -4.92 -26.52
CA VAL A 112 8.79 -5.63 -25.61
C VAL A 112 8.06 -6.77 -26.34
N SER A 113 8.35 -8.01 -25.92
CA SER A 113 7.79 -9.18 -26.57
C SER A 113 6.66 -9.86 -25.79
N GLN A 114 6.69 -9.73 -24.46
CA GLN A 114 5.71 -10.39 -23.59
C GLN A 114 4.28 -9.85 -23.68
N TRP A 115 4.12 -8.59 -24.08
CA TRP A 115 2.79 -7.96 -24.04
C TRP A 115 2.27 -7.54 -25.41
N GLN A 116 0.94 -7.66 -25.57
CA GLN A 116 0.25 -7.26 -26.80
C GLN A 116 -0.87 -6.26 -26.49
N VAL A 117 -1.18 -5.40 -27.45
CA VAL A 117 -2.31 -4.46 -27.33
C VAL A 117 -3.59 -5.24 -26.97
N GLY A 118 -4.32 -4.77 -25.96
CA GLY A 118 -5.55 -5.44 -25.52
C GLY A 118 -5.39 -6.33 -24.30
N ASP A 119 -4.14 -6.66 -23.96
CA ASP A 119 -3.86 -7.46 -22.77
C ASP A 119 -4.34 -6.71 -21.52
N GLU A 120 -5.03 -7.42 -20.63
CA GLU A 120 -5.47 -6.85 -19.36
C GLU A 120 -4.36 -6.97 -18.33
N VAL A 121 -4.03 -5.84 -17.70
CA VAL A 121 -2.81 -5.78 -16.90
C VAL A 121 -3.00 -4.95 -15.63
N ILE A 122 -2.08 -5.14 -14.68
CA ILE A 122 -2.02 -4.33 -13.48
C ILE A 122 -0.71 -3.54 -13.51
N GLY A 123 -0.79 -2.25 -13.23
CA GLY A 123 0.40 -1.42 -13.10
C GLY A 123 0.79 -1.38 -11.64
N LEU A 124 1.94 -1.97 -11.32
CA LEU A 124 2.32 -2.27 -9.94
C LEU A 124 2.88 -1.10 -9.14
N LEU A 125 3.52 -0.16 -9.84
CA LEU A 125 4.26 0.92 -9.19
C LEU A 125 4.36 2.07 -10.18
N LEU A 126 3.67 3.15 -9.88
CA LEU A 126 3.54 4.27 -10.79
C LEU A 126 3.58 5.56 -9.99
N HIS A 127 3.68 6.68 -10.70
CA HIS A 127 3.58 8.00 -10.09
CA HIS A 127 3.56 7.99 -10.07
C HIS A 127 2.34 8.75 -10.59
N ASP A 128 1.76 8.29 -11.70
CA ASP A 128 0.69 9.04 -12.35
C ASP A 128 -0.54 8.21 -12.73
N GLY A 129 -0.87 7.21 -11.91
CA GLY A 129 -2.05 6.36 -12.17
C GLY A 129 -3.32 7.11 -12.55
N LEU A 130 -3.54 8.28 -11.95
CA LEU A 130 -4.73 9.07 -12.26
C LEU A 130 -4.56 9.87 -13.56
N SER A 131 -4.49 9.11 -14.65
CA SER A 131 -4.42 9.64 -16.01
C SER A 131 -5.15 8.64 -16.91
N SER A 132 -5.76 9.10 -18.00
CA SER A 132 -6.40 8.18 -18.95
C SER A 132 -5.43 7.13 -19.53
N PHE A 133 -4.19 7.54 -19.78
CA PHE A 133 -3.13 6.65 -20.25
C PHE A 133 -1.86 6.90 -19.45
N ILE A 134 -1.13 5.84 -19.16
CA ILE A 134 0.19 5.95 -18.53
C ILE A 134 1.19 5.12 -19.34
N THR A 135 2.47 5.43 -19.19
CA THR A 135 3.51 4.57 -19.74
C THR A 135 4.40 4.10 -18.60
N THR A 136 4.83 2.85 -18.66
CA THR A 136 5.62 2.26 -17.58
C THR A 136 6.53 1.18 -18.14
N SER A 137 7.67 1.00 -17.47
CA SER A 137 8.57 -0.12 -17.72
C SER A 137 7.81 -1.41 -17.49
N VAL A 138 8.15 -2.44 -18.27
CA VAL A 138 7.53 -3.77 -18.14
C VAL A 138 7.85 -4.46 -16.83
N GLU A 139 8.88 -3.97 -16.15
CA GLU A 139 9.23 -4.47 -14.82
C GLU A 139 8.07 -4.29 -13.82
N TYR A 140 7.23 -3.28 -14.06
CA TYR A 140 6.15 -2.91 -13.16
C TYR A 140 4.75 -3.28 -13.69
N VAL A 141 4.69 -4.31 -14.53
CA VAL A 141 3.45 -4.73 -15.17
C VAL A 141 3.26 -6.23 -14.99
N VAL A 142 2.07 -6.65 -14.57
CA VAL A 142 1.71 -8.07 -14.48
C VAL A 142 0.31 -8.26 -15.07
N ALA A 143 -0.07 -9.50 -15.39
CA ALA A 143 -1.39 -9.77 -15.96
C ALA A 143 -2.48 -9.55 -14.92
N LYS A 144 -3.61 -9.01 -15.36
CA LYS A 144 -4.82 -9.01 -14.54
C LYS A 144 -5.50 -10.37 -14.63
N PRO A 145 -5.83 -11.00 -13.48
CA PRO A 145 -6.65 -12.21 -13.53
C PRO A 145 -7.97 -11.98 -14.25
N LYS A 146 -8.40 -12.95 -15.05
CA LYS A 146 -9.68 -12.85 -15.76
C LYS A 146 -10.87 -12.83 -14.80
N GLN A 147 -10.71 -13.43 -13.61
CA GLN A 147 -11.76 -13.49 -12.59
C GLN A 147 -12.14 -12.11 -12.05
N MET A 148 -11.14 -11.23 -11.97
CA MET A 148 -11.25 -9.94 -11.28
C MET A 148 -11.82 -8.82 -12.13
N SER A 149 -12.64 -7.98 -11.50
CA SER A 149 -12.98 -6.70 -12.09
C SER A 149 -11.74 -5.80 -12.06
N PHE A 150 -11.74 -4.75 -12.87
CA PHE A 150 -10.62 -3.80 -12.81
C PHE A 150 -10.45 -3.14 -11.44
N SER A 151 -11.55 -2.79 -10.78
CA SER A 151 -11.44 -2.16 -9.47
C SER A 151 -10.90 -3.15 -8.41
N GLU A 152 -11.35 -4.41 -8.44
CA GLU A 152 -10.73 -5.45 -7.61
C GLU A 152 -9.22 -5.54 -7.84
N ALA A 153 -8.81 -5.56 -9.10
CA ALA A 153 -7.38 -5.67 -9.46
C ALA A 153 -6.57 -4.51 -8.89
N ALA A 154 -7.18 -3.32 -8.91
CA ALA A 154 -6.54 -2.10 -8.42
C ALA A 154 -6.37 -2.07 -6.87
N THR A 155 -7.01 -2.98 -6.15
CA THR A 155 -6.81 -3.07 -4.70
C THR A 155 -5.48 -3.75 -4.35
N LEU A 156 -4.89 -4.44 -5.32
CA LEU A 156 -3.78 -5.39 -5.03
C LEU A 156 -2.36 -4.83 -4.84
N PRO A 157 -1.89 -3.96 -5.74
CA PRO A 157 -0.43 -3.76 -5.76
C PRO A 157 0.21 -3.22 -4.47
N LEU A 158 -0.11 -2.00 -4.07
CA LEU A 158 0.56 -1.41 -2.92
C LEU A 158 0.35 -2.21 -1.62
N THR A 159 -0.88 -2.66 -1.36
CA THR A 159 -1.20 -3.40 -0.14
C THR A 159 -0.40 -4.70 -0.03
N PHE A 160 -0.52 -5.54 -1.05
CA PHE A 160 0.19 -6.84 -1.03
C PHE A 160 1.70 -6.72 -1.19
N LEU A 161 2.18 -5.83 -2.06
CA LEU A 161 3.64 -5.65 -2.17
C LEU A 161 4.25 -5.18 -0.84
N THR A 162 3.61 -4.20 -0.20
CA THR A 162 4.09 -3.69 1.10
C THR A 162 4.08 -4.78 2.17
N ALA A 163 2.97 -5.50 2.27
CA ALA A 163 2.81 -6.51 3.30
C ALA A 163 3.75 -7.70 3.04
N GLN A 164 3.90 -8.05 1.76
CA GLN A 164 4.79 -9.19 1.40
C GLN A 164 6.24 -8.84 1.75
N TYR A 165 6.67 -7.64 1.35
CA TYR A 165 8.03 -7.19 1.67
C TYR A 165 8.27 -7.09 3.18
N GLY A 166 7.32 -6.48 3.91
CA GLY A 166 7.48 -6.26 5.34
C GLY A 166 7.48 -7.55 6.13
N LEU A 167 6.55 -8.44 5.80
CA LEU A 167 6.40 -9.64 6.60
C LEU A 167 7.31 -10.79 6.19
N GLN A 168 7.47 -10.98 4.89
CA GLN A 168 8.23 -12.16 4.41
C GLN A 168 9.70 -11.88 4.10
N HIS A 169 10.01 -10.65 3.73
CA HIS A 169 11.41 -10.31 3.42
C HIS A 169 12.15 -9.71 4.62
N LEU A 170 11.49 -8.78 5.32
CA LEU A 170 12.12 -8.09 6.43
C LEU A 170 12.00 -8.81 7.77
N ALA A 171 10.76 -9.05 8.23
CA ALA A 171 10.50 -9.78 9.48
C ALA A 171 10.76 -11.28 9.34
N LYS A 172 10.61 -11.80 8.12
CA LYS A 172 10.70 -13.22 7.85
C LYS A 172 9.86 -14.06 8.83
N ILE A 173 8.56 -13.76 8.89
CA ILE A 173 7.62 -14.47 9.78
C ILE A 173 7.60 -15.98 9.54
N GLN A 174 7.49 -16.74 10.63
CA GLN A 174 7.54 -18.21 10.59
C GLN A 174 6.23 -18.78 11.12
N PRO A 175 5.87 -20.02 10.69
CA PRO A 175 4.71 -20.72 11.29
C PRO A 175 4.76 -20.63 12.81
N GLY A 176 3.61 -20.43 13.45
CA GLY A 176 3.51 -20.36 14.90
C GLY A 176 3.92 -19.04 15.56
N GLU A 177 4.61 -18.15 14.84
CA GLU A 177 5.01 -16.88 15.44
C GLU A 177 3.77 -16.00 15.63
N ARG A 178 3.86 -15.07 16.57
CA ARG A 178 2.75 -14.14 16.84
C ARG A 178 3.06 -12.82 16.17
N VAL A 179 2.09 -12.30 15.41
CA VAL A 179 2.26 -11.01 14.72
C VAL A 179 1.12 -10.09 15.11
N LEU A 180 1.48 -8.86 15.50
CA LEU A 180 0.51 -7.79 15.74
C LEU A 180 0.42 -6.96 14.46
N ILE A 181 -0.78 -6.84 13.91
CA ILE A 181 -1.00 -6.02 12.74
C ILE A 181 -1.90 -4.87 13.19
N HIS A 182 -1.34 -3.68 13.29
CA HIS A 182 -2.15 -2.51 13.63
C HIS A 182 -3.02 -2.09 12.45
N ALA A 183 -4.20 -1.50 12.73
CA ALA A 183 -5.11 -1.05 11.66
C ALA A 183 -5.35 -2.16 10.61
N ALA A 184 -5.76 -3.32 11.10
CA ALA A 184 -5.88 -4.52 10.31
C ALA A 184 -7.06 -4.47 9.33
N ALA A 185 -7.97 -3.52 9.55
CA ALA A 185 -9.06 -3.29 8.60
C ALA A 185 -8.69 -2.29 7.48
N GLY A 186 -7.50 -1.67 7.55
CA GLY A 186 -7.00 -0.82 6.47
C GLY A 186 -6.52 -1.65 5.29
N GLY A 187 -6.13 -0.97 4.22
CA GLY A 187 -5.68 -1.66 3.00
C GLY A 187 -4.48 -2.56 3.20
N VAL A 188 -3.37 -2.00 3.69
CA VAL A 188 -2.17 -2.83 3.93
C VAL A 188 -2.47 -3.86 5.02
N GLY A 189 -3.20 -3.43 6.05
CA GLY A 189 -3.60 -4.32 7.14
C GLY A 189 -4.28 -5.58 6.61
N GLN A 190 -5.23 -5.41 5.68
CA GLN A 190 -5.97 -6.60 5.20
C GLN A 190 -5.06 -7.55 4.40
N ALA A 191 -4.20 -6.99 3.57
CA ALA A 191 -3.23 -7.84 2.81
C ALA A 191 -2.29 -8.56 3.77
N ALA A 192 -1.85 -7.86 4.81
CA ALA A 192 -0.98 -8.45 5.86
C ALA A 192 -1.66 -9.60 6.58
N VAL A 193 -2.96 -9.47 6.82
CA VAL A 193 -3.72 -10.56 7.43
C VAL A 193 -3.65 -11.82 6.55
N GLN A 194 -3.90 -11.66 5.25
CA GLN A 194 -3.81 -12.77 4.29
C GLN A 194 -2.42 -13.38 4.26
N ILE A 195 -1.40 -12.53 4.15
CA ILE A 195 -0.03 -13.03 4.12
C ILE A 195 0.34 -13.82 5.41
N ALA A 196 0.03 -13.24 6.56
CA ALA A 196 0.29 -13.86 7.86
C ALA A 196 -0.49 -15.18 8.05
N GLN A 197 -1.74 -15.22 7.62
CA GLN A 197 -2.53 -16.46 7.69
C GLN A 197 -1.90 -17.56 6.84
N VAL A 198 -1.48 -17.22 5.63
CA VAL A 198 -0.78 -18.14 4.72
C VAL A 198 0.51 -18.68 5.36
N ALA A 199 1.20 -17.82 6.09
CA ALA A 199 2.46 -18.16 6.73
C ALA A 199 2.27 -19.02 7.99
N GLY A 200 1.02 -19.20 8.41
CA GLY A 200 0.74 -19.97 9.63
C GLY A 200 1.03 -19.21 10.92
N ALA A 201 0.96 -17.87 10.85
CA ALA A 201 1.22 -17.04 12.02
C ALA A 201 -0.04 -16.87 12.86
N GLU A 202 0.15 -16.55 14.14
CA GLU A 202 -0.97 -16.29 15.04
C GLU A 202 -1.19 -14.79 15.05
N ILE A 203 -2.36 -14.37 14.62
CA ILE A 203 -2.62 -12.94 14.37
C ILE A 203 -3.25 -12.22 15.57
N PHE A 204 -2.67 -11.07 15.91
CA PHE A 204 -3.21 -10.16 16.91
C PHE A 204 -3.48 -8.90 16.11
N ALA A 205 -4.67 -8.33 16.24
CA ALA A 205 -5.03 -7.21 15.35
C ALA A 205 -5.68 -6.06 16.13
N THR A 206 -5.47 -4.82 15.67
CA THR A 206 -6.21 -3.66 16.18
C THR A 206 -7.00 -3.01 15.04
N ALA A 207 -8.14 -2.41 15.40
CA ALA A 207 -8.95 -1.59 14.51
C ALA A 207 -9.96 -0.85 15.37
N SER A 208 -10.67 0.12 14.79
CA SER A 208 -11.81 0.77 15.48
C SER A 208 -12.84 -0.29 15.85
N PRO A 209 -13.55 -0.10 16.98
CA PRO A 209 -14.57 -1.07 17.39
C PRO A 209 -15.61 -1.39 16.31
N SER A 210 -15.93 -0.42 15.45
CA SER A 210 -16.91 -0.65 14.38
C SER A 210 -16.44 -1.61 13.27
N LYS A 211 -15.15 -1.97 13.31
CA LYS A 211 -14.55 -2.88 12.33
C LYS A 211 -14.25 -4.26 12.89
N TRP A 212 -14.54 -4.46 14.18
CA TRP A 212 -14.18 -5.71 14.83
C TRP A 212 -14.90 -6.92 14.24
N GLU A 213 -16.18 -6.75 13.92
CA GLU A 213 -16.98 -7.82 13.33
C GLU A 213 -16.46 -8.20 11.92
N PHE A 214 -16.01 -7.21 11.16
CA PHE A 214 -15.27 -7.47 9.90
C PHE A 214 -14.02 -8.34 10.15
N LEU A 215 -13.25 -8.00 11.17
CA LEU A 215 -12.02 -8.77 11.47
C LEU A 215 -12.31 -10.19 11.95
N GLN A 216 -13.37 -10.37 12.73
CA GLN A 216 -13.74 -11.70 13.18
C GLN A 216 -14.02 -12.63 11.99
N SER A 217 -14.68 -12.07 10.96
CA SER A 217 -15.03 -12.83 9.77
C SER A 217 -13.83 -13.15 8.86
N LEU A 218 -12.68 -12.53 9.13
CA LEU A 218 -11.45 -12.89 8.43
C LEU A 218 -10.79 -14.07 9.15
N GLY A 219 -11.37 -14.46 10.28
CA GLY A 219 -10.84 -15.58 11.05
C GLY A 219 -9.87 -15.16 12.14
N ILE A 220 -9.83 -13.86 12.44
CA ILE A 220 -8.93 -13.35 13.49
C ILE A 220 -9.60 -13.55 14.84
N LYS A 221 -8.82 -14.05 15.80
CA LYS A 221 -9.33 -14.39 17.11
C LYS A 221 -8.96 -13.38 18.19
N HIS A 222 -7.88 -12.63 17.97
CA HIS A 222 -7.43 -11.63 18.95
C HIS A 222 -7.62 -10.22 18.39
N ILE A 223 -8.70 -9.57 18.79
CA ILE A 223 -9.14 -8.29 18.21
C ILE A 223 -9.18 -7.18 19.28
N MET A 224 -8.46 -6.09 19.05
CA MET A 224 -8.28 -5.04 20.08
C MET A 224 -8.49 -3.65 19.47
N ASN A 225 -8.61 -2.64 20.32
CA ASN A 225 -8.91 -1.28 19.88
C ASN A 225 -7.64 -0.60 19.39
N SER A 226 -7.71 0.02 18.21
CA SER A 226 -6.59 0.82 17.69
C SER A 226 -6.61 2.28 18.18
N ARG A 227 -7.66 2.64 18.90
CA ARG A 227 -7.85 4.02 19.39
C ARG A 227 -7.52 4.20 20.87
N THR A 228 -7.10 3.11 21.53
CA THR A 228 -6.62 3.20 22.90
C THR A 228 -5.31 2.42 22.98
N LEU A 229 -4.70 2.44 24.17
CA LEU A 229 -3.40 1.82 24.42
C LEU A 229 -3.50 0.50 25.19
N ASP A 230 -4.72 0.07 25.49
CA ASP A 230 -5.00 -1.16 26.26
C ASP A 230 -4.51 -2.44 25.56
N PHE A 231 -4.26 -2.35 24.25
CA PHE A 231 -3.85 -3.54 23.49
C PHE A 231 -2.61 -4.21 24.06
N ALA A 232 -1.67 -3.44 24.62
CA ALA A 232 -0.44 -4.00 25.20
C ALA A 232 -0.69 -4.95 26.37
N GLU A 233 -1.46 -4.45 27.35
CA GLU A 233 -1.90 -5.22 28.49
C GLU A 233 -2.61 -6.50 28.03
N GLU A 234 -3.51 -6.37 27.06
CA GLU A 234 -4.24 -7.53 26.54
C GLU A 234 -3.34 -8.58 25.89
N ILE A 235 -2.41 -8.14 25.04
CA ILE A 235 -1.40 -9.04 24.44
C ILE A 235 -0.59 -9.78 25.50
N MET A 236 -0.12 -9.06 26.52
CA MET A 236 0.68 -9.68 27.58
C MET A 236 -0.12 -10.72 28.34
N LYS A 237 -1.38 -10.39 28.63
CA LYS A 237 -2.31 -11.30 29.29
C LYS A 237 -2.57 -12.59 28.49
N ARG A 238 -2.72 -12.45 27.18
CA ARG A 238 -3.05 -13.58 26.30
CA ARG A 238 -3.04 -13.60 26.33
C ARG A 238 -1.82 -14.44 25.95
N THR A 239 -0.65 -13.83 25.98
CA THR A 239 0.60 -14.51 25.64
C THR A 239 1.39 -14.90 26.90
N ALA A 240 0.72 -14.87 28.06
CA ALA A 240 1.33 -15.13 29.36
C ALA A 240 2.69 -14.43 29.54
N GLY A 241 2.71 -13.13 29.22
CA GLY A 241 3.89 -12.29 29.44
C GLY A 241 4.98 -12.35 28.39
N GLU A 242 4.79 -13.15 27.34
CA GLU A 242 5.82 -13.36 26.32
C GLU A 242 5.87 -12.27 25.24
N GLY A 243 4.69 -11.74 24.88
CA GLY A 243 4.59 -10.68 23.89
C GLY A 243 4.44 -11.25 22.50
N VAL A 244 4.64 -10.41 21.48
CA VAL A 244 4.61 -10.89 20.09
C VAL A 244 5.99 -10.86 19.43
N ASP A 245 6.14 -11.69 18.40
CA ASP A 245 7.38 -11.82 17.65
C ASP A 245 7.59 -10.69 16.64
N VAL A 246 6.49 -10.18 16.07
CA VAL A 246 6.57 -9.21 14.96
C VAL A 246 5.48 -8.16 15.14
N VAL A 247 5.81 -6.90 14.91
CA VAL A 247 4.78 -5.84 14.80
C VAL A 247 4.87 -5.23 13.40
N LEU A 248 3.73 -5.11 12.74
CA LEU A 248 3.63 -4.32 11.54
C LEU A 248 2.84 -3.06 11.91
N ASN A 249 3.54 -1.92 11.93
CA ASN A 249 2.98 -0.66 12.45
C ASN A 249 2.79 0.41 11.39
N SER A 250 1.68 1.14 11.48
CA SER A 250 1.46 2.37 10.71
C SER A 250 0.86 3.49 11.57
N LEU A 251 0.85 3.32 12.88
CA LEU A 251 0.31 4.32 13.81
C LEU A 251 1.45 5.17 14.39
N ASN A 252 1.18 6.43 14.71
CA ASN A 252 2.24 7.28 15.29
C ASN A 252 1.86 7.77 16.70
N GLY A 253 2.62 8.73 17.23
CA GLY A 253 2.40 9.21 18.61
C GLY A 253 2.69 8.12 19.63
N GLU A 254 1.80 7.96 20.60
CA GLU A 254 2.02 7.01 21.70
C GLU A 254 1.98 5.54 21.25
N TYR A 255 1.39 5.27 20.10
CA TYR A 255 1.33 3.89 19.59
C TYR A 255 2.69 3.29 19.31
N ILE A 256 3.66 4.13 18.95
CA ILE A 256 5.03 3.65 18.67
C ILE A 256 5.72 3.07 19.91
N PRO A 257 5.92 3.90 20.97
CA PRO A 257 6.52 3.29 22.18
C PRO A 257 5.68 2.15 22.77
N GLN A 258 4.36 2.27 22.76
CA GLN A 258 3.50 1.22 23.33
C GLN A 258 3.58 -0.10 22.53
N SER A 259 3.82 -0.01 21.23
CA SER A 259 3.98 -1.22 20.40
C SER A 259 5.37 -1.83 20.57
N LEU A 260 6.40 -1.00 20.70
CA LEU A 260 7.75 -1.49 21.05
C LEU A 260 7.73 -2.29 22.34
N ALA A 261 6.93 -1.84 23.30
CA ALA A 261 6.83 -2.50 24.60
C ALA A 261 6.27 -3.92 24.57
N VAL A 262 5.54 -4.31 23.53
CA VAL A 262 4.93 -5.65 23.51
C VAL A 262 5.73 -6.68 22.75
N LEU A 263 6.89 -6.29 22.21
CA LEU A 263 7.68 -7.22 21.42
C LEU A 263 8.47 -8.11 22.36
N THR A 264 8.51 -9.40 22.02
CA THR A 264 9.43 -10.34 22.67
C THR A 264 10.89 -9.90 22.47
N PRO A 265 11.81 -10.31 23.37
CA PRO A 265 13.22 -10.06 23.05
C PRO A 265 13.56 -10.62 21.67
N LYS A 266 14.37 -9.89 20.90
CA LYS A 266 14.70 -10.24 19.51
C LYS A 266 13.56 -10.02 18.53
N GLY A 267 12.45 -9.47 19.00
CA GLY A 267 11.28 -9.28 18.13
C GLY A 267 11.58 -8.32 17.00
N ARG A 268 10.72 -8.28 15.99
CA ARG A 268 10.99 -7.49 14.79
C ARG A 268 9.89 -6.45 14.62
N PHE A 269 10.27 -5.17 14.53
CA PHE A 269 9.31 -4.07 14.42
C PHE A 269 9.40 -3.51 13.02
N VAL A 270 8.34 -3.73 12.22
CA VAL A 270 8.30 -3.28 10.84
C VAL A 270 7.45 -2.03 10.77
N GLU A 271 8.08 -0.95 10.33
CA GLU A 271 7.44 0.37 10.36
C GLU A 271 7.17 0.88 8.96
N ILE A 272 5.89 1.14 8.67
CA ILE A 272 5.50 1.60 7.33
C ILE A 272 4.83 2.97 7.27
N GLY A 273 4.72 3.64 8.42
CA GLY A 273 4.21 5.04 8.39
C GLY A 273 5.33 5.94 7.86
N LYS A 274 5.01 7.19 7.54
CA LYS A 274 6.06 8.12 7.12
C LYS A 274 6.18 9.38 7.95
N ILE A 275 5.07 9.98 8.34
CA ILE A 275 5.11 11.16 9.21
C ILE A 275 5.06 10.76 10.70
N GLY A 276 6.04 11.23 11.47
CA GLY A 276 6.11 11.02 12.90
C GLY A 276 6.72 9.69 13.35
N ILE A 277 7.41 8.99 12.45
CA ILE A 277 8.05 7.74 12.83
C ILE A 277 9.35 7.99 13.60
N TRP A 278 9.81 7.00 14.35
CA TRP A 278 11.01 7.14 15.15
C TRP A 278 12.27 6.89 14.33
N GLU A 279 13.36 7.57 14.70
CA GLU A 279 14.70 7.26 14.19
C GLU A 279 15.18 5.95 14.81
N LYS A 280 16.02 5.21 14.08
CA LYS A 280 16.57 3.95 14.59
C LYS A 280 17.28 4.12 15.94
N GLU A 281 17.93 5.25 16.13
CA GLU A 281 18.62 5.58 17.39
C GLU A 281 17.67 5.62 18.57
N GLN A 282 16.48 6.18 18.35
CA GLN A 282 15.46 6.29 19.37
C GLN A 282 14.89 4.92 19.73
N VAL A 283 14.63 4.11 18.71
CA VAL A 283 14.20 2.71 18.91
C VAL A 283 15.30 1.91 19.64
N LYS A 284 16.55 2.08 19.22
CA LYS A 284 17.68 1.39 19.86
C LYS A 284 17.77 1.67 21.36
N GLU A 285 17.61 2.94 21.74
CA GLU A 285 17.69 3.33 23.14
C GLU A 285 16.59 2.69 23.99
N LYS A 286 15.37 2.61 23.46
CA LYS A 286 14.25 2.06 24.21
C LYS A 286 14.25 0.52 24.24
N ARG A 287 14.56 -0.10 23.11
CA ARG A 287 14.59 -1.56 23.00
C ARG A 287 15.81 -1.97 22.17
N PRO A 288 16.99 -2.09 22.83
CA PRO A 288 18.18 -2.51 22.09
C PRO A 288 18.10 -3.97 21.61
N ASP A 289 17.21 -4.76 22.19
CA ASP A 289 17.03 -6.18 21.83
C ASP A 289 16.14 -6.42 20.60
N VAL A 290 15.65 -5.33 20.01
CA VAL A 290 14.69 -5.39 18.91
C VAL A 290 15.32 -5.01 17.57
N SER A 291 14.88 -5.68 16.49
CA SER A 291 15.24 -5.33 15.11
C SER A 291 14.24 -4.37 14.51
N TYR A 292 14.71 -3.20 14.08
CA TYR A 292 13.84 -2.14 13.60
C TYR A 292 13.94 -2.05 12.08
N PHE A 293 12.80 -2.23 11.42
CA PHE A 293 12.76 -2.24 9.95
C PHE A 293 11.79 -1.17 9.42
N PRO A 294 12.20 0.12 9.46
CA PRO A 294 11.38 1.11 8.79
C PRO A 294 11.62 1.03 7.29
N PHE A 295 10.57 1.17 6.48
CA PHE A 295 10.78 1.15 5.04
C PHE A 295 9.70 1.88 4.30
N ASP A 296 10.06 2.33 3.11
CA ASP A 296 9.11 2.81 2.13
C ASP A 296 9.21 1.88 0.93
N LEU A 297 8.08 1.38 0.44
CA LEU A 297 8.11 0.37 -0.63
C LEU A 297 8.86 0.83 -1.91
N GLN A 298 8.55 2.03 -2.39
CA GLN A 298 9.21 2.56 -3.59
C GLN A 298 10.72 2.75 -3.39
N GLU A 299 11.11 3.21 -2.19
CA GLU A 299 12.53 3.32 -1.85
C GLU A 299 13.25 1.97 -1.89
N ALA A 300 12.60 0.94 -1.34
CA ALA A 300 13.19 -0.40 -1.25
C ALA A 300 13.34 -1.00 -2.64
N VAL A 301 12.32 -0.82 -3.48
CA VAL A 301 12.36 -1.24 -4.88
C VAL A 301 13.51 -0.52 -5.61
N GLN A 302 13.64 0.79 -5.38
CA GLN A 302 14.75 1.59 -5.94
C GLN A 302 16.13 1.08 -5.50
N GLN A 303 16.27 0.77 -4.22
CA GLN A 303 17.54 0.35 -3.63
C GLN A 303 17.91 -1.12 -3.87
N GLN A 304 16.92 -1.94 -4.25
CA GLN A 304 17.17 -3.37 -4.48
C GLN A 304 16.71 -3.84 -5.85
N PRO A 305 17.53 -3.62 -6.90
CA PRO A 305 17.11 -4.04 -8.25
C PRO A 305 16.72 -5.52 -8.24
N GLY A 306 15.62 -5.86 -8.90
CA GLY A 306 15.10 -7.23 -8.86
C GLY A 306 14.03 -7.48 -7.80
N LEU A 307 13.95 -6.62 -6.78
CA LEU A 307 12.98 -6.83 -5.69
C LEU A 307 11.52 -6.93 -6.20
N ILE A 308 11.11 -5.98 -7.03
CA ILE A 308 9.73 -5.94 -7.51
C ILE A 308 9.36 -7.23 -8.26
N GLY A 309 10.26 -7.70 -9.11
CA GLY A 309 10.11 -8.99 -9.80
C GLY A 309 9.96 -10.15 -8.84
N GLN A 310 10.77 -10.17 -7.80
CA GLN A 310 10.70 -11.23 -6.80
C GLN A 310 9.35 -11.20 -6.04
N LEU A 311 8.97 -10.02 -5.54
CA LEU A 311 7.68 -9.87 -4.84
C LEU A 311 6.49 -10.29 -5.71
N SER A 312 6.49 -9.87 -6.98
CA SER A 312 5.41 -10.20 -7.92
CA SER A 312 5.40 -10.20 -7.89
C SER A 312 5.32 -11.71 -8.17
N GLU A 313 6.48 -12.35 -8.34
CA GLU A 313 6.54 -13.80 -8.52
C GLU A 313 5.97 -14.51 -7.30
N GLU A 314 6.39 -14.09 -6.11
CA GLU A 314 5.86 -14.68 -4.85
C GLU A 314 4.34 -14.51 -4.68
N LEU A 315 3.83 -13.32 -4.99
CA LEU A 315 2.40 -13.06 -4.89
C LEU A 315 1.60 -13.81 -5.98
N THR A 316 2.18 -13.94 -7.17
CA THR A 316 1.51 -14.70 -8.23
C THR A 316 1.34 -16.18 -7.82
N GLN A 317 2.37 -16.74 -7.19
CA GLN A 317 2.30 -18.09 -6.60
C GLN A 317 1.18 -18.21 -5.57
N GLN A 318 1.14 -17.27 -4.62
CA GLN A 318 0.09 -17.22 -3.61
CA GLN A 318 0.09 -17.30 -3.62
C GLN A 318 -1.29 -17.16 -4.28
N TRP A 319 -1.41 -16.31 -5.30
CA TRP A 319 -2.66 -16.22 -6.05
C TRP A 319 -3.02 -17.55 -6.75
N ASN A 320 -2.02 -18.19 -7.37
CA ASN A 320 -2.25 -19.47 -8.09
C ASN A 320 -2.58 -20.63 -7.15
N GLN A 321 -2.24 -20.48 -5.88
CA GLN A 321 -2.54 -21.48 -4.86
C GLN A 321 -3.91 -21.24 -4.19
N GLY A 322 -4.62 -20.21 -4.65
CA GLY A 322 -5.93 -19.84 -4.09
C GLY A 322 -5.86 -19.20 -2.70
N LYS A 323 -4.72 -18.56 -2.39
CA LYS A 323 -4.47 -18.03 -1.05
C LYS A 323 -4.39 -16.49 -1.01
N LEU A 324 -4.86 -15.84 -2.06
CA LEU A 324 -4.87 -14.37 -2.12
C LEU A 324 -6.24 -13.97 -2.66
N LYS A 325 -6.86 -12.98 -2.03
CA LYS A 325 -8.18 -12.48 -2.48
C LYS A 325 -8.14 -10.97 -2.60
N ALA A 326 -8.80 -10.44 -3.63
CA ALA A 326 -8.98 -8.99 -3.77
C ALA A 326 -9.69 -8.45 -2.52
N LEU A 327 -9.48 -7.17 -2.22
CA LEU A 327 -10.05 -6.60 -0.98
C LEU A 327 -11.42 -5.99 -1.25
N PRO A 328 -12.34 -6.04 -0.25
CA PRO A 328 -13.51 -5.16 -0.38
C PRO A 328 -12.99 -3.73 -0.47
N HIS A 329 -13.68 -2.87 -1.20
CA HIS A 329 -13.13 -1.54 -1.45
C HIS A 329 -14.23 -0.56 -1.78
N LYS A 330 -13.93 0.71 -1.56
CA LYS A 330 -14.86 1.78 -1.92
C LYS A 330 -14.47 2.33 -3.29
N VAL A 331 -15.45 2.44 -4.19
CA VAL A 331 -15.22 2.96 -5.54
C VAL A 331 -15.84 4.33 -5.66
N PHE A 332 -15.05 5.31 -6.10
CA PHE A 332 -15.57 6.63 -6.46
C PHE A 332 -15.46 6.78 -7.98
N PRO A 333 -16.56 7.20 -8.66
CA PRO A 333 -16.42 7.63 -10.05
C PRO A 333 -15.39 8.74 -10.13
N SER A 334 -14.68 8.82 -11.27
CA SER A 334 -13.67 9.86 -11.52
C SER A 334 -14.18 11.28 -11.29
N THR A 335 -15.48 11.49 -11.49
CA THR A 335 -16.07 12.82 -11.33
C THR A 335 -16.11 13.25 -9.87
N GLU A 336 -16.00 12.27 -8.96
CA GLU A 336 -16.04 12.52 -7.53
C GLU A 336 -14.65 12.44 -6.91
N ILE A 337 -13.64 12.88 -7.67
CA ILE A 337 -12.25 12.82 -7.25
C ILE A 337 -11.96 13.61 -5.95
N THR A 338 -12.52 14.82 -5.83
CA THR A 338 -12.34 15.60 -4.61
CA THR A 338 -12.37 15.62 -4.62
C THR A 338 -12.96 14.87 -3.41
N ALA A 339 -14.17 14.34 -3.56
CA ALA A 339 -14.81 13.57 -2.50
C ALA A 339 -13.97 12.35 -2.10
N ALA A 340 -13.36 11.70 -3.10
CA ALA A 340 -12.48 10.56 -2.86
C ALA A 340 -11.25 10.95 -2.02
N PHE A 341 -10.64 12.10 -2.35
CA PHE A 341 -9.46 12.56 -1.57
C PHE A 341 -9.85 12.89 -0.12
N ARG A 342 -11.03 13.47 0.07
CA ARG A 342 -11.50 13.80 1.41
C ARG A 342 -11.83 12.52 2.18
N TYR A 343 -12.46 11.56 1.52
CA TYR A 343 -12.73 10.25 2.12
C TYR A 343 -11.44 9.52 2.53
N MET A 344 -10.41 9.61 1.69
CA MET A 344 -9.11 8.97 1.95
C MET A 344 -8.50 9.39 3.29
N GLN A 345 -8.79 10.61 3.74
CA GLN A 345 -8.33 11.06 5.06
C GLN A 345 -9.05 10.27 6.16
N GLN A 346 -10.37 10.09 6.03
CA GLN A 346 -11.18 9.32 6.99
C GLN A 346 -10.87 7.83 6.89
N ALA A 347 -10.66 7.35 5.66
CA ALA A 347 -10.37 5.94 5.41
C ALA A 347 -8.90 5.58 5.64
N LYS A 348 -8.13 6.50 6.24
CA LYS A 348 -6.70 6.30 6.45
C LYS A 348 -6.40 4.88 6.99
N HIS A 349 -6.91 4.59 8.18
CA HIS A 349 -6.65 3.32 8.85
C HIS A 349 -7.66 2.24 8.47
N VAL A 350 -8.60 2.58 7.61
CA VAL A 350 -9.63 1.61 7.23
C VAL A 350 -10.13 1.72 5.80
N GLY A 351 -9.97 0.64 5.05
CA GLY A 351 -10.62 0.49 3.79
C GLY A 351 -9.77 0.91 2.63
N LYS A 352 -9.80 0.10 1.59
CA LYS A 352 -9.12 0.40 0.35
C LYS A 352 -10.06 1.28 -0.46
N VAL A 353 -9.49 2.28 -1.12
CA VAL A 353 -10.25 3.17 -1.97
C VAL A 353 -9.72 3.09 -3.41
N VAL A 354 -10.66 3.04 -4.39
CA VAL A 354 -10.31 2.93 -5.80
C VAL A 354 -11.15 3.94 -6.58
N VAL A 355 -10.54 4.57 -7.58
CA VAL A 355 -11.22 5.49 -8.49
C VAL A 355 -11.43 4.80 -9.84
N SER A 356 -12.68 4.75 -10.27
CA SER A 356 -13.04 4.21 -11.57
C SER A 356 -12.84 5.30 -12.63
N MET A 357 -12.13 4.97 -13.70
CA MET A 357 -11.83 5.94 -14.78
C MET A 357 -12.88 5.90 -15.90
N PRO A 358 -13.18 7.07 -16.52
CA PRO A 358 -14.16 7.14 -17.62
C PRO A 358 -13.88 6.11 -18.71
#